data_9IIZ
#
_entry.id   9IIZ
#
_cell.length_a   1.00
_cell.length_b   1.00
_cell.length_c   1.00
_cell.angle_alpha   90.00
_cell.angle_beta   90.00
_cell.angle_gamma   90.00
#
_symmetry.space_group_name_H-M   'P 1'
#
loop_
_entity.id
_entity.type
_entity.pdbx_description
1 polymer Piwi
2 polymer 'RNA (25-MER)'
3 polymer "RNA (5'-R(P*AP*GP*CP*CP*AP*AP*GP*UP*UP*UP*CP*CP*AP*UP*GP*UP*UP*GP*AP*UP*GP*GP*UP*A)-3')"
#
loop_
_entity_poly.entity_id
_entity_poly.type
_entity_poly.pdbx_seq_one_letter_code
_entity_poly.pdbx_strand_id
1 'polypeptide(L)'
;MSGRGGRGAALLKALEQPVRRPGQQPVQSGDQVAGPPSLTSATVSTVGVVQQHTVADVDRCPPLATPASGQPLTLHRPLG
SPAVLPLGGRGGRGSRSVEPVEPRVASEPPSLISFGPSSPERAHTETEITPPTAVSVQQRPSSQTISRGVPAVGRGSMLR
DPTSHVRLPQLYSSGGSPVVQTATATPTVSPPALSPSPPLLTQSPPSQSPLPIKAIKDLSLNVESSMVSQRGSSGQPVPV
SANYLPLKGNMDGVFKYAVGFNPPVEDIRSRSQLLNEHKELIGLTRVFDGSTLYVPKRICEQRLDLMSTRQTDGASIKVT
ISLVDSVKNRDVVQLMNVIFKRILRSLKLQRIGRDYYDANSPLEVPQHKMQLWPGYVTAINRHEGGLMLVLDVSHRVMKT
DTALDFLYELYHFNQDKFREEAFKQLVGSVVLTRYNNRTYEIDDIAWDKNPRCAFQDHAGSQITFVDYYKRAYDLDITDL
EQPLLIHRPKKKQRGKQDEGRKEVEEMVCLVPELCAMTGLTDAARSDFKVMKDLAVHTRVPPEKRAESFRKFIQRLNTTK
EASELLHSWGLVLDSRMLDMQGRRLPPEKILFKHSSIVANMEADWSRECLKEHVISAVSLLDWAVLFVRKDQGKATDFVN
MLSKVCPPIGMEVHEPKMVEVVNDRTESYLRALRELIAPRLQMVVIVFPTSRDDRYSAVKKLCCIESPIPSQVLIARTIT
QQQKLRSVAQKVALQMNAKLGGELWAVEIPLKSCMVVGIDVYHDKSYGNKSIAGFVASTNPSFTRWYSRTAMQEQSQELI
HELKLCMQAALKKYNEMNQSLPERIIVFRDGVGEGREEYVSEFEVPQFNSCFSIFGENYCPKLAVVVVQKRITTRIFGRS
GHSYDNPPPGVIVDHTITKSYDFYLVSQHVRQGTVSPTYYRVIYDKSGLKPDHLQRLTYKLTHMYYNWPGTIRTPAPCNY
AHKLAFLVGKSLHRDPAHELSDRLFFL
;
A
2 'polyribonucleotide' UUACCAUCAACAUGGAAACUUGGCU B
3 'polyribonucleotide' AGCCAAGUUUCCAUGUUGAUGGUA C
#
# COMPACT_ATOMS: atom_id res chain seq x y z
N ARG A 584 -27.08 5.54 9.20
CA ARG A 584 -25.74 5.23 8.73
C ARG A 584 -25.15 4.04 9.47
N LEU A 585 -24.23 3.33 8.82
CA LEU A 585 -23.50 2.26 9.46
C LEU A 585 -22.56 2.82 10.51
N PRO A 586 -22.18 2.02 11.52
CA PRO A 586 -21.21 2.47 12.53
C PRO A 586 -19.87 2.81 11.89
N PRO A 587 -19.26 3.92 12.30
CA PRO A 587 -18.06 4.42 11.59
C PRO A 587 -16.80 3.65 11.92
N GLU A 588 -15.67 4.15 11.43
CA GLU A 588 -14.35 3.58 11.67
C GLU A 588 -13.56 4.57 12.53
N LYS A 589 -13.62 4.35 13.84
CA LYS A 589 -12.88 5.19 14.77
C LYS A 589 -11.40 4.89 14.63
N ILE A 590 -10.59 5.95 14.53
CA ILE A 590 -9.15 5.79 14.35
C ILE A 590 -8.45 6.29 15.60
N LEU A 591 -7.35 5.64 15.95
CA LEU A 591 -6.62 5.96 17.17
C LEU A 591 -5.17 6.27 16.83
N PHE A 592 -4.60 7.26 17.53
CA PHE A 592 -3.22 7.65 17.37
C PHE A 592 -2.63 7.86 18.76
N LYS A 593 -1.34 8.19 18.80
CA LYS A 593 -0.64 8.31 20.07
C LYS A 593 -1.22 9.44 20.92
N HIS A 594 -1.83 9.06 22.03
CA HIS A 594 -2.57 9.94 22.95
C HIS A 594 -3.65 10.74 22.22
N SER A 595 -4.33 10.09 21.27
CA SER A 595 -5.44 10.77 20.59
C SER A 595 -6.40 9.75 20.00
N SER A 596 -7.67 10.15 19.90
CA SER A 596 -8.69 9.34 19.26
C SER A 596 -9.51 10.25 18.36
N ILE A 597 -9.59 9.91 17.08
CA ILE A 597 -10.21 10.75 16.06
C ILE A 597 -11.30 9.95 15.37
N VAL A 598 -12.50 10.54 15.30
CA VAL A 598 -13.67 9.94 14.66
C VAL A 598 -13.53 10.06 13.15
N ALA A 599 -14.38 9.33 12.43
CA ALA A 599 -14.41 9.43 10.99
C ALA A 599 -14.92 10.80 10.55
N ASN A 600 -14.47 11.23 9.37
CA ASN A 600 -14.74 12.58 8.92
C ASN A 600 -16.17 12.72 8.41
N MET A 601 -16.64 13.97 8.37
CA MET A 601 -17.94 14.25 7.78
C MET A 601 -17.91 14.01 6.27
N GLU A 602 -16.79 14.35 5.63
CA GLU A 602 -16.52 13.98 4.25
C GLU A 602 -15.95 12.58 4.12
N ALA A 603 -15.74 11.88 5.25
CA ALA A 603 -15.34 10.48 5.39
C ALA A 603 -13.87 10.23 5.03
N ASP A 604 -13.15 11.25 4.59
CA ASP A 604 -11.70 11.17 4.51
C ASP A 604 -11.18 12.09 5.63
N TRP A 605 -10.54 11.50 6.64
CA TRP A 605 -10.10 12.27 7.79
C TRP A 605 -8.83 13.07 7.46
N SER A 606 -9.00 14.04 6.55
CA SER A 606 -7.90 14.81 6.02
C SER A 606 -7.47 15.89 7.00
N ARG A 607 -8.36 16.83 7.32
CA ARG A 607 -8.04 17.98 8.16
C ARG A 607 -7.59 17.56 9.56
N GLU A 608 -8.24 16.52 10.09
CA GLU A 608 -7.88 15.99 11.40
C GLU A 608 -6.43 15.50 11.41
N CYS A 609 -6.05 14.65 10.44
CA CYS A 609 -4.67 14.20 10.41
C CYS A 609 -3.71 15.29 9.94
N LEU A 610 -4.23 16.37 9.36
CA LEU A 610 -3.44 17.58 9.22
C LEU A 610 -3.22 18.28 10.55
N LYS A 611 -4.04 18.00 11.57
CA LYS A 611 -3.84 18.65 12.86
C LYS A 611 -3.85 17.67 14.05
N GLU A 612 -3.20 16.50 13.92
CA GLU A 612 -3.09 15.57 15.05
C GLU A 612 -1.87 14.67 14.87
N HIS A 613 -1.65 13.81 15.86
CA HIS A 613 -0.40 13.08 16.03
C HIS A 613 -0.31 11.85 15.10
N VAL A 614 0.68 10.99 15.36
CA VAL A 614 0.93 9.77 14.58
C VAL A 614 1.13 8.64 15.59
N ILE A 615 0.69 7.42 15.22
CA ILE A 615 0.90 6.25 16.07
C ILE A 615 2.38 5.99 16.28
N SER A 616 3.13 5.90 15.19
CA SER A 616 4.56 5.66 15.24
C SER A 616 5.18 6.22 13.98
N ALA A 617 6.32 6.86 14.12
CA ALA A 617 6.95 7.55 13.00
C ALA A 617 8.46 7.38 13.11
N VAL A 618 9.07 6.84 12.05
CA VAL A 618 10.53 6.74 12.00
C VAL A 618 11.11 8.14 11.90
N SER A 619 12.07 8.44 12.78
CA SER A 619 12.63 9.78 12.84
C SER A 619 13.49 10.06 11.62
N LEU A 620 13.25 11.21 10.99
CA LEU A 620 14.01 11.66 9.83
C LEU A 620 15.18 12.50 10.32
N LEU A 621 16.37 11.92 10.27
CA LEU A 621 17.58 12.59 10.75
C LEU A 621 18.56 12.90 9.63
N ASP A 622 18.96 11.91 8.85
CA ASP A 622 19.92 12.08 7.76
C ASP A 622 19.20 11.77 6.45
N TRP A 623 18.82 12.82 5.72
CA TRP A 623 18.12 12.68 4.44
C TRP A 623 18.51 13.85 3.54
N ALA A 624 18.20 13.71 2.25
CA ALA A 624 18.64 14.66 1.24
C ALA A 624 17.52 14.95 0.26
N VAL A 625 17.51 16.19 -0.26
CA VAL A 625 16.66 16.57 -1.39
C VAL A 625 17.57 16.93 -2.55
N LEU A 626 17.10 16.65 -3.77
CA LEU A 626 17.83 17.01 -4.97
C LEU A 626 16.92 17.81 -5.90
N PHE A 627 17.45 18.92 -6.39
CA PHE A 627 16.63 19.93 -7.04
C PHE A 627 17.32 20.45 -8.29
N VAL A 628 16.53 21.16 -9.09
CA VAL A 628 17.00 21.90 -10.26
C VAL A 628 16.64 23.36 -10.01
N ARG A 629 17.52 24.27 -10.44
CA ARG A 629 17.40 25.68 -10.06
C ARG A 629 16.16 26.37 -10.62
N LYS A 630 15.49 25.75 -11.61
CA LYS A 630 14.22 26.28 -12.12
C LYS A 630 13.15 26.32 -11.03
N ASP A 631 13.23 25.40 -10.07
CA ASP A 631 12.37 25.38 -8.90
C ASP A 631 13.10 25.87 -7.64
N GLN A 632 14.15 26.70 -7.83
CA GLN A 632 15.17 26.97 -6.81
C GLN A 632 14.58 27.52 -5.51
N GLY A 633 13.90 28.66 -5.59
CA GLY A 633 13.23 29.20 -4.41
C GLY A 633 12.14 28.28 -3.92
N LYS A 634 11.42 27.64 -4.85
CA LYS A 634 10.39 26.71 -4.45
C LYS A 634 11.01 25.41 -3.93
N ALA A 635 12.31 25.22 -4.16
CA ALA A 635 13.04 24.22 -3.39
C ALA A 635 13.12 24.62 -1.92
N THR A 636 13.67 25.81 -1.62
CA THR A 636 13.99 26.12 -0.23
C THR A 636 12.73 26.43 0.56
N ASP A 637 11.75 27.06 -0.08
CA ASP A 637 10.43 27.23 0.53
C ASP A 637 9.76 25.89 0.83
N PHE A 638 10.19 24.81 0.17
CA PHE A 638 9.72 23.48 0.54
C PHE A 638 10.38 22.98 1.82
N VAL A 639 11.70 23.17 1.98
CA VAL A 639 12.42 22.34 2.96
C VAL A 639 12.14 22.82 4.38
N ASN A 640 12.04 24.14 4.58
CA ASN A 640 11.60 24.65 5.88
C ASN A 640 10.14 24.29 6.14
N MET A 641 9.37 24.10 5.07
CA MET A 641 8.05 23.50 5.15
C MET A 641 8.08 22.16 5.88
N LEU A 642 9.10 21.35 5.61
CA LEU A 642 9.24 20.08 6.30
C LEU A 642 9.71 20.24 7.75
N SER A 643 10.13 21.44 8.16
CA SER A 643 10.40 21.72 9.56
C SER A 643 9.23 22.38 10.27
N LYS A 644 8.11 22.59 9.58
CA LYS A 644 6.99 23.33 10.15
C LYS A 644 5.74 22.48 10.37
N VAL A 645 5.26 21.79 9.33
CA VAL A 645 3.95 21.15 9.42
C VAL A 645 4.00 19.90 10.30
N CYS A 646 5.15 19.26 10.38
CA CYS A 646 5.29 17.97 11.08
C CYS A 646 5.27 17.99 12.61
N PRO A 647 5.75 19.02 13.33
CA PRO A 647 5.54 19.03 14.81
C PRO A 647 4.08 19.09 15.22
N PRO A 648 3.17 19.73 14.46
CA PRO A 648 1.74 19.42 14.68
C PRO A 648 1.36 17.98 14.41
N ILE A 649 2.00 17.32 13.44
CA ILE A 649 1.76 15.89 13.21
C ILE A 649 2.57 15.03 14.16
N GLY A 650 3.51 15.63 14.90
CA GLY A 650 4.25 14.91 15.93
C GLY A 650 5.44 14.15 15.39
N MET A 651 6.35 14.86 14.71
CA MET A 651 7.46 14.21 14.04
C MET A 651 8.55 15.28 13.87
N GLU A 652 9.60 15.19 14.68
CA GLU A 652 10.63 16.24 14.71
C GLU A 652 11.58 16.06 13.53
N VAL A 653 11.16 16.58 12.37
CA VAL A 653 11.93 16.44 11.14
C VAL A 653 13.07 17.45 11.11
N HIS A 654 14.25 17.00 10.68
CA HIS A 654 15.45 17.81 10.67
C HIS A 654 15.73 18.34 9.26
N GLU A 655 16.81 19.10 9.15
CA GLU A 655 17.17 19.75 7.90
C GLU A 655 17.75 18.73 6.91
N PRO A 656 17.29 18.73 5.66
CA PRO A 656 17.85 17.79 4.67
C PRO A 656 19.14 18.27 4.03
N LYS A 657 19.64 17.51 3.06
CA LYS A 657 20.93 17.78 2.42
C LYS A 657 20.70 18.27 1.00
N MET A 658 21.36 19.37 0.63
CA MET A 658 21.26 19.94 -0.70
C MET A 658 21.98 19.08 -1.73
N VAL A 659 21.29 18.76 -2.82
CA VAL A 659 21.90 18.15 -4.00
C VAL A 659 21.40 18.88 -5.25
N GLU A 660 22.34 19.26 -6.14
CA GLU A 660 22.01 19.83 -7.44
C GLU A 660 22.96 19.26 -8.48
N VAL A 661 22.40 18.59 -9.50
CA VAL A 661 23.18 18.00 -10.59
C VAL A 661 22.48 18.39 -11.89
N VAL A 662 23.29 18.63 -12.93
CA VAL A 662 22.85 19.36 -14.13
C VAL A 662 21.81 18.57 -14.93
N ASN A 663 22.15 17.34 -15.34
CA ASN A 663 21.36 16.65 -16.36
C ASN A 663 19.99 16.21 -15.83
N ASP A 664 18.99 16.25 -16.71
CA ASP A 664 17.59 16.15 -16.31
C ASP A 664 16.79 15.25 -17.25
N ARG A 665 17.29 14.05 -17.51
CA ARG A 665 16.58 13.07 -18.33
C ARG A 665 16.31 11.80 -17.53
N THR A 666 15.75 10.79 -18.21
CA THR A 666 15.52 9.49 -17.60
C THR A 666 16.85 8.80 -17.28
N GLU A 667 17.83 8.90 -18.16
CA GLU A 667 19.15 8.36 -17.87
C GLU A 667 19.84 9.14 -16.76
N SER A 668 19.54 10.43 -16.64
CA SER A 668 20.02 11.20 -15.50
C SER A 668 19.40 10.69 -14.20
N TYR A 669 18.11 10.34 -14.24
CA TYR A 669 17.47 9.67 -13.11
C TYR A 669 18.16 8.35 -12.80
N LEU A 670 18.56 7.62 -13.84
CA LEU A 670 19.19 6.32 -13.64
C LEU A 670 20.56 6.45 -12.96
N ARG A 671 21.39 7.39 -13.44
CA ARG A 671 22.69 7.56 -12.80
C ARG A 671 22.56 8.20 -11.43
N ALA A 672 21.52 9.01 -11.22
CA ALA A 672 21.27 9.58 -9.90
C ALA A 672 20.73 8.55 -8.93
N LEU A 673 20.09 7.49 -9.42
CA LEU A 673 19.50 6.50 -8.54
C LEU A 673 20.29 5.21 -8.45
N ARG A 674 21.38 5.08 -9.22
CA ARG A 674 22.21 3.89 -9.10
C ARG A 674 23.60 4.18 -8.52
N GLU A 675 23.98 5.45 -8.42
CA GLU A 675 25.31 5.80 -7.93
C GLU A 675 25.28 6.57 -6.62
N LEU A 676 24.63 7.73 -6.56
CA LEU A 676 24.51 8.49 -5.30
C LEU A 676 23.25 8.09 -4.54
N ILE A 677 23.07 6.79 -4.37
CA ILE A 677 21.96 6.19 -3.64
C ILE A 677 22.49 4.99 -2.88
N ALA A 678 22.29 4.98 -1.57
CA ALA A 678 22.89 3.98 -0.71
C ALA A 678 22.09 3.91 0.59
N PRO A 679 22.19 2.80 1.34
CA PRO A 679 21.52 2.74 2.65
C PRO A 679 22.14 3.64 3.72
N ARG A 680 23.22 4.34 3.40
CA ARG A 680 23.77 5.35 4.31
C ARG A 680 22.80 6.50 4.53
N LEU A 681 21.95 6.79 3.55
CA LEU A 681 20.87 7.74 3.69
C LEU A 681 19.61 7.03 4.17
N GLN A 682 18.67 7.81 4.71
CA GLN A 682 17.40 7.22 5.14
C GLN A 682 16.46 7.04 3.95
N MET A 683 16.04 8.15 3.34
CA MET A 683 15.27 8.14 2.10
C MET A 683 15.32 9.56 1.52
N VAL A 684 15.21 9.63 0.19
CA VAL A 684 15.58 10.82 -0.57
C VAL A 684 14.32 11.48 -1.12
N VAL A 685 14.38 12.81 -1.25
CA VAL A 685 13.32 13.62 -1.87
C VAL A 685 13.86 14.20 -3.17
N ILE A 686 13.07 14.11 -4.23
CA ILE A 686 13.47 14.52 -5.57
C ILE A 686 12.43 15.50 -6.10
N VAL A 687 12.88 16.66 -6.60
CA VAL A 687 12.00 17.53 -7.37
C VAL A 687 12.47 17.58 -8.82
N PHE A 688 11.52 17.39 -9.73
CA PHE A 688 11.71 17.40 -11.17
C PHE A 688 10.63 18.32 -11.74
N PRO A 689 10.94 19.08 -12.81
CA PRO A 689 9.95 20.03 -13.36
C PRO A 689 8.68 19.39 -13.89
N THR A 690 8.81 18.50 -14.89
CA THR A 690 7.67 17.76 -15.40
C THR A 690 8.18 16.46 -15.98
N SER A 691 7.33 15.44 -15.97
CA SER A 691 7.75 14.10 -16.40
C SER A 691 6.54 13.28 -16.80
N ARG A 692 6.83 12.08 -17.30
CA ARG A 692 5.84 11.12 -17.77
C ARG A 692 6.01 9.80 -17.04
N ASP A 693 5.28 8.78 -17.48
CA ASP A 693 5.24 7.50 -16.75
C ASP A 693 6.54 6.72 -16.86
N ASP A 694 7.37 7.01 -17.86
CA ASP A 694 8.60 6.25 -18.08
C ASP A 694 9.65 6.55 -17.00
N ARG A 695 9.77 7.83 -16.62
CA ARG A 695 10.66 8.14 -15.50
C ARG A 695 10.08 7.67 -14.17
N TYR A 696 8.75 7.56 -14.06
CA TYR A 696 8.15 6.92 -12.89
C TYR A 696 8.57 5.46 -12.81
N SER A 697 8.54 4.77 -13.95
CA SER A 697 9.03 3.39 -13.99
C SER A 697 10.52 3.33 -13.67
N ALA A 698 11.28 4.33 -14.10
CA ALA A 698 12.71 4.38 -13.80
C ALA A 698 12.97 4.52 -12.30
N VAL A 699 12.26 5.43 -11.63
CA VAL A 699 12.49 5.64 -10.20
C VAL A 699 11.96 4.46 -9.39
N LYS A 700 10.87 3.83 -9.85
CA LYS A 700 10.34 2.68 -9.12
C LYS A 700 11.19 1.43 -9.36
N LYS A 701 11.86 1.37 -10.51
CA LYS A 701 12.77 0.26 -10.77
C LYS A 701 14.05 0.41 -9.96
N LEU A 702 14.60 1.63 -9.89
CA LEU A 702 15.89 1.81 -9.26
C LEU A 702 15.80 2.25 -7.80
N CYS A 703 14.60 2.30 -7.22
CA CYS A 703 14.46 2.52 -5.80
C CYS A 703 13.96 1.30 -5.03
N CYS A 704 13.55 0.23 -5.73
CA CYS A 704 12.79 -0.83 -5.09
C CYS A 704 13.30 -2.23 -5.44
N ILE A 705 14.44 -2.35 -6.11
CA ILE A 705 14.84 -3.67 -6.59
C ILE A 705 16.20 -4.08 -6.00
N GLU A 706 17.26 -3.35 -6.30
CA GLU A 706 18.59 -3.77 -5.89
C GLU A 706 18.98 -3.13 -4.56
N SER A 707 19.01 -1.81 -4.51
CA SER A 707 19.32 -1.10 -3.28
C SER A 707 18.02 -0.71 -2.60
N PRO A 708 17.68 -1.30 -1.46
CA PRO A 708 16.35 -1.04 -0.87
C PRO A 708 16.28 0.31 -0.16
N ILE A 709 15.69 1.30 -0.83
CA ILE A 709 15.42 2.60 -0.25
C ILE A 709 14.26 3.21 -1.02
N PRO A 710 13.06 3.22 -0.46
CA PRO A 710 11.89 3.80 -1.17
C PRO A 710 11.85 5.32 -1.09
N SER A 711 12.57 5.97 -2.00
CA SER A 711 12.72 7.42 -1.96
C SER A 711 11.44 8.11 -2.44
N GLN A 712 11.33 9.39 -2.12
CA GLN A 712 10.17 10.22 -2.46
C GLN A 712 10.44 10.99 -3.73
N VAL A 713 9.54 10.86 -4.70
CA VAL A 713 9.60 11.61 -5.95
C VAL A 713 8.39 12.51 -6.02
N LEU A 714 8.61 13.82 -6.08
CA LEU A 714 7.51 14.76 -6.24
C LEU A 714 7.85 15.80 -7.31
N ILE A 715 6.90 16.02 -8.22
CA ILE A 715 7.13 16.87 -9.38
C ILE A 715 7.03 18.33 -8.97
N ALA A 716 7.68 19.20 -9.75
CA ALA A 716 7.63 20.64 -9.49
C ALA A 716 6.61 21.35 -10.37
N ARG A 717 5.38 20.83 -10.39
CA ARG A 717 4.32 21.45 -11.18
C ARG A 717 3.15 21.75 -10.26
N THR A 718 2.90 20.85 -9.32
CA THR A 718 1.77 20.97 -8.41
C THR A 718 2.07 21.83 -7.19
N ILE A 719 3.34 22.12 -6.92
CA ILE A 719 3.71 22.95 -5.78
C ILE A 719 4.20 24.34 -6.20
N THR A 720 4.33 24.60 -7.51
CA THR A 720 4.95 25.81 -8.04
C THR A 720 4.15 27.07 -7.74
N GLN A 721 2.92 26.96 -7.28
CA GLN A 721 2.11 28.10 -6.87
C GLN A 721 2.15 28.23 -5.36
N GLN A 722 2.08 29.46 -4.87
CA GLN A 722 2.00 29.71 -3.44
C GLN A 722 0.58 29.42 -2.93
N GLN A 723 0.45 29.44 -1.59
CA GLN A 723 -0.76 29.18 -0.79
C GLN A 723 -1.52 27.90 -1.15
N LYS A 724 -0.86 26.99 -1.88
CA LYS A 724 -1.38 25.66 -2.15
C LYS A 724 -0.42 24.56 -1.76
N LEU A 725 0.82 24.90 -1.40
CA LEU A 725 1.82 23.93 -0.99
C LEU A 725 1.53 23.32 0.37
N ARG A 726 0.59 23.91 1.13
CA ARG A 726 0.10 23.45 2.42
C ARG A 726 -0.26 21.97 2.43
N SER A 727 -1.31 21.64 1.68
CA SER A 727 -1.88 20.29 1.74
C SER A 727 -1.02 19.29 0.98
N VAL A 728 -0.44 19.71 -0.15
CA VAL A 728 0.44 18.84 -0.93
C VAL A 728 1.65 18.45 -0.11
N ALA A 729 2.28 19.43 0.55
CA ALA A 729 3.46 19.15 1.37
C ALA A 729 3.09 18.34 2.61
N GLN A 730 1.89 18.55 3.15
CA GLN A 730 1.48 17.76 4.32
C GLN A 730 1.23 16.30 3.95
N LYS A 731 0.58 16.06 2.82
CA LYS A 731 0.41 14.70 2.31
C LYS A 731 1.74 14.04 2.00
N VAL A 732 2.68 14.81 1.43
CA VAL A 732 4.03 14.32 1.14
C VAL A 732 4.76 13.95 2.44
N ALA A 733 4.62 14.78 3.47
CA ALA A 733 5.21 14.50 4.77
C ALA A 733 4.66 13.22 5.37
N LEU A 734 3.35 13.02 5.24
CA LEU A 734 2.73 11.75 5.62
C LEU A 734 3.30 10.60 4.80
N GLN A 735 3.65 10.85 3.54
CA GLN A 735 4.12 9.77 2.68
C GLN A 735 5.54 9.33 3.03
N MET A 736 6.44 10.28 3.37
CA MET A 736 7.72 9.77 3.90
C MET A 736 7.56 9.19 5.29
N ASN A 737 6.62 9.69 6.10
CA ASN A 737 6.50 9.10 7.43
C ASN A 737 5.81 7.74 7.40
N ALA A 738 5.21 7.36 6.29
CA ALA A 738 4.63 6.03 6.15
C ALA A 738 5.57 5.05 5.45
N LYS A 739 6.26 5.51 4.41
CA LYS A 739 7.03 4.65 3.51
C LYS A 739 8.52 4.61 3.95
N LEU A 740 8.68 4.43 5.26
CA LEU A 740 10.02 4.24 5.81
C LEU A 740 10.04 3.15 6.88
N GLY A 741 8.94 2.43 7.07
CA GLY A 741 8.77 1.57 8.21
C GLY A 741 7.84 2.14 9.26
N GLY A 742 7.54 3.43 9.21
CA GLY A 742 6.57 4.00 10.11
C GLY A 742 5.16 3.59 9.74
N GLU A 743 4.25 3.76 10.69
CA GLU A 743 2.86 3.31 10.55
C GLU A 743 1.96 4.37 11.17
N LEU A 744 1.25 5.10 10.30
CA LEU A 744 0.54 6.31 10.70
C LEU A 744 -0.74 5.99 11.45
N TRP A 745 -1.70 5.33 10.80
CA TRP A 745 -2.98 5.03 11.42
C TRP A 745 -3.19 3.53 11.51
N ALA A 746 -4.18 3.15 12.31
CA ALA A 746 -4.60 1.77 12.45
C ALA A 746 -6.06 1.77 12.88
N VAL A 747 -6.70 0.62 12.74
CA VAL A 747 -8.10 0.42 13.10
C VAL A 747 -8.14 -0.65 14.19
N GLU A 748 -8.99 -0.44 15.19
CA GLU A 748 -9.16 -1.46 16.24
C GLU A 748 -9.72 -2.74 15.64
N ILE A 749 -9.15 -3.86 16.04
CA ILE A 749 -9.44 -5.15 15.42
C ILE A 749 -10.02 -6.11 16.46
N PRO A 750 -11.32 -6.39 16.42
CA PRO A 750 -11.85 -7.46 17.28
C PRO A 750 -11.37 -8.84 16.89
N LEU A 751 -10.97 -9.02 15.63
CA LEU A 751 -10.47 -10.32 15.15
C LEU A 751 -8.95 -10.39 15.35
N LYS A 752 -8.56 -10.40 16.63
CA LYS A 752 -7.16 -10.58 16.99
C LYS A 752 -6.71 -11.99 16.63
N SER A 753 -5.40 -12.11 16.35
CA SER A 753 -4.77 -13.32 15.84
C SER A 753 -5.44 -13.79 14.55
N CYS A 754 -5.53 -12.87 13.58
CA CYS A 754 -6.12 -13.15 12.27
C CYS A 754 -5.58 -12.13 11.30
N MET A 755 -5.21 -12.57 10.10
CA MET A 755 -4.60 -11.68 9.12
C MET A 755 -5.43 -11.58 7.85
N VAL A 756 -5.05 -10.62 6.99
CA VAL A 756 -5.76 -10.29 5.78
C VAL A 756 -4.77 -10.31 4.62
N VAL A 757 -5.13 -10.97 3.53
CA VAL A 757 -4.24 -11.22 2.40
C VAL A 757 -4.88 -10.67 1.13
N GLY A 758 -4.12 -9.90 0.37
CA GLY A 758 -4.59 -9.40 -0.92
C GLY A 758 -3.75 -9.92 -2.06
N ILE A 759 -4.42 -10.59 -3.00
CA ILE A 759 -3.76 -11.10 -4.20
C ILE A 759 -4.39 -10.43 -5.41
N ASP A 760 -3.55 -9.88 -6.28
CA ASP A 760 -4.03 -9.08 -7.39
C ASP A 760 -3.28 -9.47 -8.65
N VAL A 761 -3.94 -9.27 -9.80
CA VAL A 761 -3.37 -9.61 -11.09
C VAL A 761 -3.52 -8.40 -12.02
N TYR A 762 -2.42 -8.06 -12.70
CA TYR A 762 -2.40 -6.98 -13.66
C TYR A 762 -2.74 -7.49 -15.06
N HIS A 763 -3.67 -6.80 -15.71
CA HIS A 763 -4.15 -7.17 -17.04
C HIS A 763 -3.47 -6.27 -18.07
N ASP A 764 -2.21 -6.58 -18.39
CA ASP A 764 -1.45 -5.85 -19.38
C ASP A 764 -0.91 -6.82 -20.43
N LYS A 765 -1.13 -6.48 -21.70
CA LYS A 765 -0.68 -7.31 -22.82
C LYS A 765 0.36 -6.62 -23.68
N SER A 766 0.94 -5.51 -23.22
CA SER A 766 1.92 -4.80 -24.03
C SER A 766 3.24 -5.56 -24.10
N TYR A 767 3.73 -6.05 -22.96
CA TYR A 767 4.99 -6.78 -22.92
C TYR A 767 4.76 -8.29 -23.05
N GLY A 768 4.07 -8.68 -24.13
CA GLY A 768 3.81 -10.07 -24.41
C GLY A 768 2.81 -10.74 -23.49
N ASN A 769 2.00 -9.96 -22.77
CA ASN A 769 1.05 -10.43 -21.76
C ASN A 769 1.74 -11.25 -20.67
N LYS A 770 2.58 -10.57 -19.91
CA LYS A 770 3.30 -11.22 -18.81
C LYS A 770 2.39 -11.61 -17.66
N SER A 771 1.33 -10.85 -17.40
CA SER A 771 0.30 -11.16 -16.40
C SER A 771 0.89 -11.32 -15.01
N ILE A 772 1.40 -10.21 -14.48
CA ILE A 772 2.08 -10.23 -13.19
C ILE A 772 1.08 -10.45 -12.06
N ALA A 773 1.60 -10.88 -10.91
CA ALA A 773 0.79 -11.12 -9.72
C ALA A 773 1.44 -10.45 -8.51
N GLY A 774 0.64 -9.71 -7.75
CA GLY A 774 1.08 -9.04 -6.54
C GLY A 774 0.41 -9.63 -5.32
N PHE A 775 1.20 -9.84 -4.27
CA PHE A 775 0.76 -10.50 -3.05
C PHE A 775 1.09 -9.59 -1.88
N VAL A 776 0.12 -9.37 -1.00
CA VAL A 776 0.35 -8.65 0.25
C VAL A 776 -0.29 -9.44 1.39
N ALA A 777 0.44 -9.53 2.51
CA ALA A 777 -0.03 -10.23 3.69
C ALA A 777 0.36 -9.44 4.93
N SER A 778 -0.56 -9.33 5.88
CA SER A 778 -0.28 -8.59 7.10
C SER A 778 0.40 -9.50 8.13
N THR A 779 1.32 -8.92 8.91
CA THR A 779 2.12 -9.68 9.86
C THR A 779 1.79 -9.34 11.32
N ASN A 780 0.64 -8.72 11.58
CA ASN A 780 0.20 -8.50 12.95
C ASN A 780 -1.31 -8.39 13.01
N PRO A 781 -1.93 -8.75 14.15
CA PRO A 781 -3.38 -8.54 14.28
C PRO A 781 -3.81 -7.09 14.26
N SER A 782 -2.90 -6.17 14.57
CA SER A 782 -3.20 -4.75 14.44
C SER A 782 -3.05 -4.24 13.01
N PHE A 783 -2.53 -5.08 12.10
CA PHE A 783 -2.40 -4.85 10.66
C PHE A 783 -1.49 -3.68 10.30
N THR A 784 -0.62 -3.26 11.21
CA THR A 784 0.30 -2.16 10.93
C THR A 784 1.39 -2.61 9.97
N ARG A 785 2.14 -3.66 10.33
CA ARG A 785 3.12 -4.21 9.42
C ARG A 785 2.44 -5.09 8.38
N TRP A 786 3.06 -5.20 7.20
CA TRP A 786 2.57 -6.10 6.16
C TRP A 786 3.77 -6.84 5.56
N TYR A 787 3.52 -7.51 4.43
CA TYR A 787 4.49 -8.38 3.78
C TYR A 787 4.09 -8.48 2.32
N SER A 788 4.91 -7.92 1.43
CA SER A 788 4.59 -7.84 0.01
C SER A 788 5.58 -8.65 -0.82
N ARG A 789 5.09 -9.24 -1.91
CA ARG A 789 5.91 -10.05 -2.79
C ARG A 789 5.29 -10.04 -4.19
N THR A 790 6.13 -10.36 -5.18
CA THR A 790 5.78 -10.39 -6.60
C THR A 790 6.87 -11.14 -7.34
N ALA A 791 6.47 -12.12 -8.16
CA ALA A 791 7.37 -12.87 -9.02
C ALA A 791 6.89 -12.80 -10.45
N MET A 792 7.82 -12.93 -11.40
CA MET A 792 7.50 -12.83 -12.82
C MET A 792 7.36 -14.23 -13.46
N GLN A 793 6.18 -14.48 -14.00
CA GLN A 793 5.81 -15.75 -14.62
C GLN A 793 4.58 -15.49 -15.49
N GLU A 794 4.47 -16.23 -16.60
CA GLU A 794 3.28 -16.09 -17.44
C GLU A 794 2.21 -17.12 -17.11
N GLN A 795 2.59 -18.38 -16.93
CA GLN A 795 1.60 -19.45 -16.90
C GLN A 795 1.00 -19.61 -15.51
N SER A 796 -0.05 -20.43 -15.44
CA SER A 796 -0.86 -20.55 -14.23
C SER A 796 -0.91 -21.97 -13.68
N GLN A 797 0.10 -22.79 -13.97
CA GLN A 797 0.19 -24.14 -13.43
C GLN A 797 1.16 -24.23 -12.26
N GLU A 798 2.40 -23.78 -12.45
CA GLU A 798 3.32 -23.66 -11.32
C GLU A 798 3.02 -22.43 -10.48
N LEU A 799 2.08 -21.59 -10.94
CA LEU A 799 1.66 -20.43 -10.18
C LEU A 799 1.06 -20.83 -8.86
N ILE A 800 0.31 -21.95 -8.84
CA ILE A 800 -0.36 -22.40 -7.62
C ILE A 800 0.67 -22.89 -6.60
N HIS A 801 1.66 -23.66 -7.06
CA HIS A 801 2.72 -24.12 -6.16
C HIS A 801 3.57 -22.96 -5.65
N GLU A 802 3.85 -21.97 -6.50
CA GLU A 802 4.72 -20.89 -6.04
C GLU A 802 3.96 -19.95 -5.11
N LEU A 803 2.64 -19.76 -5.30
CA LEU A 803 1.95 -18.94 -4.31
C LEU A 803 1.65 -19.72 -3.03
N LYS A 804 1.61 -21.06 -3.08
CA LYS A 804 1.62 -21.80 -1.82
C LYS A 804 2.93 -21.60 -1.08
N LEU A 805 4.05 -21.61 -1.81
CA LEU A 805 5.34 -21.36 -1.16
C LEU A 805 5.43 -19.93 -0.61
N CYS A 806 4.87 -18.97 -1.36
CA CYS A 806 4.86 -17.58 -0.90
C CYS A 806 3.95 -17.39 0.30
N MET A 807 2.79 -18.05 0.31
CA MET A 807 1.90 -17.95 1.46
C MET A 807 2.47 -18.70 2.67
N GLN A 808 3.23 -19.76 2.45
CA GLN A 808 3.94 -20.41 3.54
C GLN A 808 4.99 -19.49 4.14
N ALA A 809 5.68 -18.73 3.28
CA ALA A 809 6.59 -17.69 3.76
C ALA A 809 5.83 -16.62 4.55
N ALA A 810 4.64 -16.26 4.07
CA ALA A 810 3.80 -15.29 4.78
C ALA A 810 3.35 -15.81 6.15
N LEU A 811 2.95 -17.08 6.22
CA LEU A 811 2.52 -17.67 7.49
C LEU A 811 3.68 -17.82 8.47
N LYS A 812 4.88 -18.19 7.98
CA LYS A 812 5.99 -18.30 8.91
C LYS A 812 6.46 -16.92 9.37
N LYS A 813 6.34 -15.90 8.50
CA LYS A 813 6.64 -14.54 8.92
C LYS A 813 5.61 -14.05 9.95
N TYR A 814 4.34 -14.39 9.74
CA TYR A 814 3.29 -14.04 10.70
C TYR A 814 3.49 -14.77 12.02
N ASN A 815 3.98 -16.01 11.97
CA ASN A 815 4.27 -16.76 13.18
C ASN A 815 5.48 -16.19 13.90
N GLU A 816 6.46 -15.67 13.15
CA GLU A 816 7.65 -15.13 13.80
C GLU A 816 7.37 -13.76 14.41
N MET A 817 6.55 -12.93 13.76
CA MET A 817 6.13 -11.68 14.39
C MET A 817 5.09 -11.88 15.49
N ASN A 818 4.25 -12.91 15.42
CA ASN A 818 3.08 -13.00 16.28
C ASN A 818 3.14 -14.11 17.32
N GLN A 819 3.92 -15.17 17.09
CA GLN A 819 4.01 -16.35 17.97
C GLN A 819 2.65 -16.99 18.23
N SER A 820 1.81 -17.04 17.21
CA SER A 820 0.48 -17.62 17.32
C SER A 820 0.08 -18.17 15.96
N LEU A 821 -1.21 -18.49 15.81
CA LEU A 821 -1.70 -19.04 14.56
C LEU A 821 -3.03 -18.39 14.19
N PRO A 822 -3.16 -17.84 12.97
CA PRO A 822 -4.43 -17.24 12.54
C PRO A 822 -5.42 -18.31 12.14
N GLU A 823 -6.56 -18.34 12.84
CA GLU A 823 -7.61 -19.31 12.49
C GLU A 823 -8.26 -18.95 11.16
N ARG A 824 -8.55 -17.68 10.94
CA ARG A 824 -9.24 -17.22 9.75
C ARG A 824 -8.32 -16.44 8.83
N ILE A 825 -8.65 -16.45 7.54
CA ILE A 825 -7.87 -15.79 6.50
C ILE A 825 -8.84 -15.25 5.45
N ILE A 826 -8.67 -13.99 5.07
CA ILE A 826 -9.55 -13.32 4.11
C ILE A 826 -8.72 -12.93 2.89
N VAL A 827 -9.22 -13.26 1.70
CA VAL A 827 -8.49 -13.11 0.44
C VAL A 827 -9.37 -12.36 -0.55
N PHE A 828 -8.81 -11.36 -1.24
CA PHE A 828 -9.58 -10.38 -1.98
C PHE A 828 -9.45 -10.58 -3.50
N ARG A 829 -9.98 -9.61 -4.26
CA ARG A 829 -9.87 -9.59 -5.72
C ARG A 829 -9.55 -8.16 -6.14
N ASP A 830 -9.61 -7.84 -7.43
CA ASP A 830 -9.29 -6.51 -7.93
C ASP A 830 -10.41 -5.89 -8.75
N GLY A 831 -11.24 -6.71 -9.38
CA GLY A 831 -12.17 -6.19 -10.37
C GLY A 831 -12.36 -7.07 -11.59
N VAL A 832 -11.80 -8.28 -11.56
CA VAL A 832 -12.06 -9.26 -12.62
C VAL A 832 -13.54 -9.58 -12.67
N GLY A 833 -14.13 -9.47 -13.86
CA GLY A 833 -15.54 -9.74 -14.04
C GLY A 833 -15.90 -11.21 -13.97
N GLU A 834 -17.05 -11.54 -14.53
CA GLU A 834 -17.58 -12.89 -14.48
C GLU A 834 -16.99 -13.80 -15.55
N GLY A 835 -16.03 -13.32 -16.34
CA GLY A 835 -15.43 -14.14 -17.37
C GLY A 835 -14.49 -15.21 -16.84
N ARG A 836 -13.99 -15.05 -15.62
CA ARG A 836 -13.11 -16.06 -15.03
C ARG A 836 -13.42 -16.33 -13.57
N GLU A 837 -14.58 -15.87 -13.07
CA GLU A 837 -14.98 -16.14 -11.69
C GLU A 837 -15.19 -17.62 -11.46
N GLU A 838 -15.84 -18.29 -12.41
CA GLU A 838 -16.00 -19.75 -12.34
C GLU A 838 -14.64 -20.45 -12.44
N TYR A 839 -13.74 -19.90 -13.26
CA TYR A 839 -12.39 -20.45 -13.37
C TYR A 839 -11.65 -20.34 -12.04
N VAL A 840 -11.79 -19.19 -11.36
CA VAL A 840 -11.16 -19.02 -10.05
C VAL A 840 -11.75 -20.00 -9.04
N SER A 841 -13.08 -20.14 -9.02
CA SER A 841 -13.71 -21.01 -8.04
C SER A 841 -13.42 -22.48 -8.31
N GLU A 842 -13.12 -22.84 -9.56
CA GLU A 842 -12.81 -24.24 -9.84
C GLU A 842 -11.32 -24.54 -9.73
N PHE A 843 -10.45 -23.54 -9.88
CA PHE A 843 -9.02 -23.79 -9.88
C PHE A 843 -8.34 -23.36 -8.58
N GLU A 844 -8.49 -22.09 -8.18
CA GLU A 844 -7.74 -21.59 -7.04
C GLU A 844 -8.39 -21.97 -5.71
N VAL A 845 -9.73 -21.96 -5.67
CA VAL A 845 -10.43 -22.23 -4.40
C VAL A 845 -10.22 -23.65 -3.88
N PRO A 846 -10.34 -24.73 -4.68
CA PRO A 846 -9.99 -26.05 -4.12
C PRO A 846 -8.49 -26.20 -3.87
N GLN A 847 -7.66 -25.51 -4.65
CA GLN A 847 -6.22 -25.54 -4.41
C GLN A 847 -5.82 -24.67 -3.22
N PHE A 848 -6.69 -23.77 -2.78
CA PHE A 848 -6.38 -22.95 -1.61
C PHE A 848 -6.52 -23.75 -0.31
N ASN A 849 -7.18 -24.90 -0.37
CA ASN A 849 -7.29 -25.83 0.75
C ASN A 849 -6.42 -27.06 0.57
N SER A 850 -5.62 -27.12 -0.50
CA SER A 850 -4.93 -28.34 -0.91
C SER A 850 -3.86 -28.82 0.05
N CYS A 851 -2.78 -28.07 0.20
CA CYS A 851 -1.61 -28.52 0.96
C CYS A 851 -1.12 -27.37 1.84
N PHE A 852 -2.05 -26.77 2.57
CA PHE A 852 -1.72 -25.73 3.54
C PHE A 852 -1.67 -26.28 4.96
N SER A 853 -1.92 -27.58 5.14
CA SER A 853 -1.85 -28.24 6.43
C SER A 853 -0.48 -28.84 6.72
N ILE A 854 0.59 -28.25 6.16
CA ILE A 854 1.92 -28.80 6.33
C ILE A 854 2.48 -28.56 7.72
N PHE A 855 1.85 -27.71 8.52
CA PHE A 855 2.35 -27.31 9.83
C PHE A 855 2.22 -28.38 10.90
N GLY A 856 1.89 -29.63 10.60
CA GLY A 856 1.72 -30.63 11.63
C GLY A 856 0.51 -31.51 11.43
N GLU A 857 -0.43 -31.46 12.38
CA GLU A 857 -1.61 -32.33 12.34
C GLU A 857 -2.84 -31.55 12.76
N ASN A 858 -3.91 -31.71 11.99
CA ASN A 858 -5.30 -31.35 12.34
C ASN A 858 -5.55 -29.85 12.47
N TYR A 859 -4.56 -29.01 12.21
CA TYR A 859 -4.77 -27.56 12.24
C TYR A 859 -5.35 -27.13 10.89
N CYS A 860 -6.65 -27.28 10.77
CA CYS A 860 -7.33 -26.84 9.57
C CYS A 860 -7.61 -25.35 9.65
N PRO A 861 -7.06 -24.53 8.75
CA PRO A 861 -7.31 -23.09 8.84
C PRO A 861 -8.59 -22.68 8.15
N LYS A 862 -9.41 -21.90 8.85
CA LYS A 862 -10.60 -21.32 8.22
C LYS A 862 -10.18 -20.30 7.18
N LEU A 863 -10.86 -20.31 6.03
CA LEU A 863 -10.47 -19.49 4.89
C LEU A 863 -11.70 -18.79 4.32
N ALA A 864 -11.44 -17.68 3.62
CA ALA A 864 -12.50 -16.90 2.99
C ALA A 864 -11.91 -16.15 1.80
N VAL A 865 -12.51 -16.34 0.63
CA VAL A 865 -12.11 -15.67 -0.60
C VAL A 865 -13.32 -14.89 -1.12
N VAL A 866 -13.11 -13.59 -1.38
CA VAL A 866 -14.17 -12.67 -1.78
C VAL A 866 -13.77 -12.01 -3.10
N VAL A 867 -14.72 -11.97 -4.04
CA VAL A 867 -14.55 -11.22 -5.29
C VAL A 867 -15.00 -9.78 -5.04
N VAL A 868 -14.23 -8.82 -5.57
CA VAL A 868 -14.48 -7.39 -5.34
C VAL A 868 -14.67 -6.71 -6.68
N GLN A 869 -15.85 -6.14 -6.90
CA GLN A 869 -16.17 -5.37 -8.09
C GLN A 869 -16.39 -3.91 -7.72
N LYS A 870 -16.24 -3.02 -8.70
CA LYS A 870 -16.45 -1.60 -8.50
C LYS A 870 -17.66 -1.08 -9.27
N ARG A 871 -17.71 -1.33 -10.58
CA ARG A 871 -18.72 -0.70 -11.43
C ARG A 871 -20.02 -1.50 -11.44
N ILE A 872 -21.12 -0.81 -11.70
CA ILE A 872 -22.44 -1.42 -11.75
C ILE A 872 -23.09 -1.07 -13.09
N SER A 900 -21.17 -16.42 3.41
CA SER A 900 -20.82 -15.99 2.07
C SER A 900 -22.02 -15.35 1.37
N TYR A 901 -22.03 -14.02 1.32
CA TYR A 901 -23.14 -13.29 0.72
C TYR A 901 -22.59 -12.08 -0.03
N ASP A 902 -23.39 -11.56 -0.96
CA ASP A 902 -23.01 -10.39 -1.73
C ASP A 902 -23.40 -9.12 -0.98
N PHE A 903 -22.55 -8.10 -1.10
CA PHE A 903 -22.77 -6.86 -0.34
C PHE A 903 -22.25 -5.65 -1.10
N TYR A 904 -23.10 -4.63 -1.22
CA TYR A 904 -22.68 -3.33 -1.74
C TYR A 904 -22.26 -2.45 -0.57
N LEU A 905 -21.18 -1.70 -0.75
CA LEU A 905 -20.62 -0.85 0.30
C LEU A 905 -20.58 0.59 -0.18
N VAL A 906 -21.06 1.49 0.69
CA VAL A 906 -20.88 2.92 0.54
C VAL A 906 -19.80 3.33 1.54
N SER A 907 -18.63 3.70 1.04
CA SER A 907 -17.53 4.09 1.90
C SER A 907 -16.89 5.41 1.50
N GLN A 908 -16.82 5.72 0.21
CA GLN A 908 -16.17 6.92 -0.29
C GLN A 908 -17.23 7.99 -0.56
N HIS A 909 -16.98 9.20 -0.10
CA HIS A 909 -17.87 10.33 -0.35
C HIS A 909 -17.38 11.10 -1.57
N VAL A 910 -18.30 11.33 -2.52
CA VAL A 910 -17.98 12.01 -3.76
C VAL A 910 -18.45 13.46 -3.66
N ARG A 911 -17.59 14.37 -4.09
CA ARG A 911 -17.94 15.78 -4.20
C ARG A 911 -18.29 16.20 -5.61
N GLN A 912 -17.67 15.57 -6.61
CA GLN A 912 -17.99 15.78 -8.01
C GLN A 912 -18.43 14.44 -8.61
N GLY A 913 -19.60 14.44 -9.24
CA GLY A 913 -20.11 13.24 -9.88
C GLY A 913 -20.81 12.30 -8.93
N THR A 914 -21.30 11.20 -9.50
CA THR A 914 -22.04 10.19 -8.75
C THR A 914 -21.08 9.15 -8.18
N VAL A 915 -21.44 8.61 -7.01
CA VAL A 915 -20.60 7.60 -6.35
C VAL A 915 -20.69 6.27 -7.10
N SER A 916 -19.67 5.44 -6.88
CA SER A 916 -19.65 4.07 -7.38
C SER A 916 -19.57 3.15 -6.17
N PRO A 917 -20.72 2.66 -5.68
CA PRO A 917 -20.70 1.72 -4.55
C PRO A 917 -20.03 0.41 -4.93
N THR A 918 -19.38 -0.21 -3.95
CA THR A 918 -18.47 -1.31 -4.23
C THR A 918 -19.14 -2.65 -4.00
N TYR A 919 -19.10 -3.51 -5.02
CA TYR A 919 -19.73 -4.82 -4.94
C TYR A 919 -18.75 -5.84 -4.38
N TYR A 920 -19.24 -6.68 -3.47
CA TYR A 920 -18.47 -7.73 -2.85
C TYR A 920 -19.19 -9.05 -3.05
N ARG A 921 -18.45 -10.05 -3.53
CA ARG A 921 -19.00 -11.38 -3.78
C ARG A 921 -18.09 -12.39 -3.10
N VAL A 922 -18.52 -12.88 -1.93
CA VAL A 922 -17.75 -13.87 -1.19
C VAL A 922 -17.85 -15.20 -1.93
N ILE A 923 -16.77 -15.58 -2.64
CA ILE A 923 -16.77 -16.79 -3.44
C ILE A 923 -16.50 -18.05 -2.62
N TYR A 924 -16.00 -17.91 -1.40
CA TYR A 924 -15.63 -19.07 -0.59
C TYR A 924 -15.56 -18.62 0.86
N ASP A 925 -16.04 -19.46 1.77
CA ASP A 925 -16.02 -19.09 3.17
C ASP A 925 -15.96 -20.34 4.05
N LYS A 926 -15.02 -20.33 4.98
CA LYS A 926 -14.97 -21.30 6.07
C LYS A 926 -14.82 -20.64 7.43
N SER A 927 -14.89 -19.30 7.51
CA SER A 927 -14.52 -18.61 8.74
C SER A 927 -15.58 -18.76 9.82
N GLY A 928 -16.86 -18.75 9.45
CA GLY A 928 -17.89 -18.68 10.46
C GLY A 928 -18.00 -17.32 11.11
N LEU A 929 -17.54 -16.27 10.43
CA LEU A 929 -17.60 -14.92 10.98
C LEU A 929 -19.04 -14.43 11.03
N LYS A 930 -19.35 -13.67 12.09
CA LYS A 930 -20.70 -13.16 12.28
C LYS A 930 -21.03 -12.14 11.20
N PRO A 931 -22.25 -12.14 10.64
CA PRO A 931 -22.59 -11.21 9.56
C PRO A 931 -22.56 -9.74 9.97
N ASP A 932 -22.96 -9.42 11.19
CA ASP A 932 -22.81 -8.04 11.68
C ASP A 932 -21.34 -7.68 11.83
N HIS A 933 -20.55 -8.60 12.39
CA HIS A 933 -19.11 -8.42 12.42
C HIS A 933 -18.52 -8.37 11.02
N LEU A 934 -19.10 -9.14 10.09
CA LEU A 934 -18.61 -9.12 8.71
C LEU A 934 -18.86 -7.78 8.04
N GLN A 935 -20.04 -7.18 8.23
CA GLN A 935 -20.31 -5.90 7.58
C GLN A 935 -19.55 -4.76 8.24
N ARG A 936 -19.38 -4.81 9.57
CA ARG A 936 -18.58 -3.79 10.24
C ARG A 936 -17.11 -3.90 9.84
N LEU A 937 -16.61 -5.14 9.71
CA LEU A 937 -15.26 -5.36 9.20
C LEU A 937 -15.11 -4.88 7.78
N THR A 938 -16.11 -5.14 6.93
CA THR A 938 -16.03 -4.75 5.52
C THR A 938 -16.09 -3.23 5.36
N TYR A 939 -16.77 -2.54 6.28
CA TYR A 939 -16.61 -1.09 6.37
C TYR A 939 -15.18 -0.74 6.78
N LYS A 940 -14.64 -1.46 7.76
CA LYS A 940 -13.28 -1.20 8.22
C LYS A 940 -12.21 -1.85 7.33
N LEU A 941 -12.61 -2.68 6.35
CA LEU A 941 -11.64 -3.42 5.54
C LEU A 941 -10.82 -2.51 4.62
N THR A 942 -11.26 -1.27 4.41
CA THR A 942 -10.38 -0.26 3.83
C THR A 942 -9.46 0.29 4.92
N HIS A 943 -8.43 -0.50 5.22
CA HIS A 943 -7.39 -0.07 6.14
C HIS A 943 -6.49 0.96 5.46
N MET A 944 -5.49 1.42 6.25
CA MET A 944 -4.23 2.01 5.80
C MET A 944 -4.34 2.97 4.62
N TYR A 945 -3.88 2.51 3.45
CA TYR A 945 -3.86 3.27 2.19
C TYR A 945 -3.18 4.63 2.39
N TYR A 946 -1.88 4.57 2.69
CA TYR A 946 -1.18 5.74 3.19
C TYR A 946 -0.95 6.82 2.14
N ASN A 947 -1.23 6.52 0.87
CA ASN A 947 -1.30 7.58 -0.13
C ASN A 947 -2.44 8.54 0.16
N TRP A 948 -3.63 7.99 0.41
CA TRP A 948 -4.84 8.79 0.57
C TRP A 948 -5.36 8.63 1.99
N PRO A 949 -5.18 9.62 2.85
CA PRO A 949 -5.75 9.55 4.20
C PRO A 949 -7.27 9.50 4.16
N GLY A 950 -7.84 8.68 5.04
CA GLY A 950 -9.26 8.42 4.98
C GLY A 950 -9.58 7.06 4.40
N THR A 951 -10.41 7.04 3.36
CA THR A 951 -10.89 5.79 2.77
C THR A 951 -11.20 6.00 1.30
N ILE A 952 -11.49 4.88 0.63
CA ILE A 952 -11.88 4.87 -0.77
C ILE A 952 -13.07 3.94 -0.91
N ARG A 953 -13.47 3.68 -2.16
CA ARG A 953 -14.63 2.82 -2.41
C ARG A 953 -14.35 1.38 -2.02
N THR A 954 -13.23 0.83 -2.48
CA THR A 954 -12.69 -0.52 -2.49
C THR A 954 -11.84 -0.78 -1.24
N PRO A 955 -11.68 -2.03 -0.79
CA PRO A 955 -10.84 -2.28 0.38
C PRO A 955 -9.36 -2.11 0.07
N ALA A 956 -8.58 -1.95 1.15
CA ALA A 956 -7.18 -1.53 1.04
C ALA A 956 -6.26 -2.47 0.26
N PRO A 957 -6.19 -3.80 0.54
CA PRO A 957 -5.17 -4.60 -0.17
C PRO A 957 -5.42 -4.74 -1.65
N CYS A 958 -6.66 -4.50 -2.10
CA CYS A 958 -6.96 -4.52 -3.54
C CYS A 958 -6.19 -3.42 -4.27
N ASN A 959 -6.37 -2.16 -3.87
CA ASN A 959 -5.59 -1.09 -4.48
C ASN A 959 -4.12 -1.16 -4.08
N TYR A 960 -3.80 -1.80 -2.96
CA TYR A 960 -2.41 -1.88 -2.52
C TYR A 960 -1.61 -2.73 -3.49
N ALA A 961 -2.06 -3.96 -3.71
CA ALA A 961 -1.39 -4.82 -4.67
C ALA A 961 -1.69 -4.40 -6.10
N HIS A 962 -2.73 -3.57 -6.32
CA HIS A 962 -2.97 -3.02 -7.64
C HIS A 962 -1.90 -2.00 -8.00
N LYS A 963 -1.56 -1.12 -7.06
CA LYS A 963 -0.45 -0.19 -7.27
C LYS A 963 0.87 -0.94 -7.39
N LEU A 964 1.05 -1.99 -6.57
CA LEU A 964 2.23 -2.85 -6.70
C LEU A 964 2.33 -3.46 -8.09
N ALA A 965 1.21 -3.99 -8.59
CA ALA A 965 1.15 -4.53 -9.94
C ALA A 965 1.37 -3.46 -10.98
N PHE A 966 0.97 -2.22 -10.69
CA PHE A 966 1.18 -1.12 -11.61
C PHE A 966 2.68 -0.84 -11.80
N LEU A 967 3.43 -0.76 -10.69
CA LEU A 967 4.86 -0.52 -10.88
C LEU A 967 5.58 -1.71 -11.49
N VAL A 968 5.24 -2.95 -11.09
CA VAL A 968 6.00 -4.07 -11.64
C VAL A 968 5.58 -4.37 -13.09
N GLY A 969 4.34 -4.10 -13.47
CA GLY A 969 3.89 -4.43 -14.80
C GLY A 969 3.86 -3.24 -15.75
N LYS A 970 4.32 -2.07 -15.31
CA LYS A 970 4.50 -0.98 -16.26
C LYS A 970 5.67 -1.28 -17.19
N SER A 971 6.89 -1.39 -16.64
CA SER A 971 8.02 -1.91 -17.40
C SER A 971 8.99 -2.73 -16.54
N LEU A 972 8.66 -3.02 -15.29
CA LEU A 972 9.64 -3.56 -14.34
C LEU A 972 9.64 -5.08 -14.44
N HIS A 973 10.40 -5.60 -15.41
CA HIS A 973 10.48 -7.04 -15.64
C HIS A 973 11.47 -7.70 -14.67
N ARG A 974 11.23 -7.49 -13.39
CA ARG A 974 12.05 -7.98 -12.30
C ARG A 974 11.13 -8.29 -11.12
N ASP A 975 11.70 -8.44 -9.93
CA ASP A 975 10.95 -8.69 -8.71
C ASP A 975 11.40 -7.76 -7.61
N PRO A 976 10.49 -7.32 -6.74
CA PRO A 976 10.90 -6.49 -5.61
C PRO A 976 11.61 -7.31 -4.54
N ALA A 977 12.35 -6.61 -3.68
CA ALA A 977 13.18 -7.27 -2.68
C ALA A 977 12.33 -7.86 -1.56
N HIS A 978 12.84 -8.93 -0.96
CA HIS A 978 12.16 -9.56 0.16
C HIS A 978 12.24 -8.71 1.42
N GLU A 979 13.34 -7.97 1.60
CA GLU A 979 13.48 -7.10 2.76
C GLU A 979 12.51 -5.92 2.66
N LEU A 980 12.15 -5.52 1.45
CA LEU A 980 11.09 -4.53 1.22
C LEU A 980 9.72 -5.21 1.24
N SER A 981 9.38 -5.77 2.39
CA SER A 981 8.08 -6.33 2.67
C SER A 981 7.46 -5.80 3.95
N ASP A 982 8.28 -5.61 5.00
CA ASP A 982 7.78 -5.19 6.30
C ASP A 982 7.27 -3.75 6.21
N ARG A 983 8.07 -2.87 5.61
CA ARG A 983 7.60 -1.52 5.32
C ARG A 983 6.72 -1.55 4.07
N LEU A 984 6.31 -0.38 3.60
CA LEU A 984 5.28 -0.27 2.56
C LEU A 984 5.83 0.48 1.35
N PHE A 985 7.03 0.08 0.93
CA PHE A 985 7.91 0.74 -0.02
C PHE A 985 7.24 1.21 -1.32
N PHE A 986 6.25 0.47 -1.80
CA PHE A 986 5.69 0.66 -3.13
C PHE A 986 4.71 1.82 -3.21
N LEU A 987 4.49 2.52 -2.12
CA LEU A 987 3.52 3.61 -2.09
C LEU A 987 4.12 4.93 -2.58
#